data_4GH8
#
_entry.id   4GH8
#
_cell.length_a   52.245
_cell.length_b   63.773
_cell.length_c   62.439
_cell.angle_alpha   90.00
_cell.angle_beta   106.82
_cell.angle_gamma   90.00
#
_symmetry.space_group_name_H-M   'P 1 21 1'
#
loop_
_entity.id
_entity.type
_entity.pdbx_description
1 polymer 'Dihydrofolate reductase'
2 non-polymer METHOTREXATE
3 non-polymer 'NADPH DIHYDRO-NICOTINAMIDE-ADENINE-DINUCLEOTIDE PHOSPHATE'
4 non-polymer 'CALCIUM ION'
5 water water
#
_entity_poly.entity_id   1
_entity_poly.type   'polypeptide(L)'
_entity_poly.pdbx_seq_one_letter_code
;MISLIAALAVDRVIGMENAMPWPPLPADLAWFKRNTLNKPVIMGRHTWESIPEKNRPLPGRKNIILSSQPGTDDRVTWVK
SVDEAIAACGDVPEIMVIGGGRVYEQFLPKAQKLYLTHIDAEVEGDTHFPDYEPDDWESVFSEFHDADAQNSHSYCFEIL
ER
;
_entity_poly.pdbx_strand_id   B,A
#
# COMPACT_ATOMS: atom_id res chain seq x y z
N MET A 1 9.47 0.83 5.03
CA MET A 1 8.67 1.41 6.14
C MET A 1 8.16 2.81 5.77
N ILE A 2 7.13 3.27 6.47
CA ILE A 2 6.47 4.56 6.23
C ILE A 2 6.84 5.56 7.33
N SER A 3 7.29 6.74 6.88
CA SER A 3 7.65 7.83 7.75
C SER A 3 6.87 9.10 7.38
N LEU A 4 6.48 9.86 8.42
CA LEU A 4 5.82 11.18 8.31
C LEU A 4 6.84 12.23 8.68
N ILE A 5 6.82 13.34 7.96
CA ILE A 5 7.63 14.43 8.30
C ILE A 5 6.83 15.69 8.18
N ALA A 6 6.99 16.57 9.16
CA ALA A 6 6.10 17.71 9.43
C ALA A 6 6.85 18.74 10.27
N ALA A 7 6.53 20.02 10.04
CA ALA A 7 6.89 21.18 10.90
C ALA A 7 5.66 21.59 11.75
N LEU A 8 5.74 21.52 13.07
CA LEU A 8 4.61 21.87 13.95
C LEU A 8 5.01 23.06 14.80
N ALA A 9 4.14 24.06 14.80
CA ALA A 9 4.28 25.20 15.66
C ALA A 9 3.45 24.80 16.88
N VAL A 10 3.19 25.73 17.79
CA VAL A 10 2.55 25.40 19.05
C VAL A 10 1.18 24.81 18.87
N ASP A 11 0.83 23.86 19.73
CA ASP A 11 -0.43 23.14 19.68
C ASP A 11 -0.61 22.39 18.32
N ARG A 12 0.50 21.94 17.74
CA ARG A 12 0.46 21.10 16.53
C ARG A 12 -0.07 21.79 15.27
N VAL A 13 -0.12 23.10 15.26
CA VAL A 13 -0.55 23.88 14.07
C VAL A 13 0.43 23.65 12.91
N ILE A 14 -0.09 23.28 11.74
CA ILE A 14 0.77 23.06 10.59
C ILE A 14 0.42 23.93 9.38
N GLY A 15 -0.75 24.57 9.38
CA GLY A 15 -1.16 25.34 8.22
C GLY A 15 -2.31 26.27 8.46
N MET A 16 -2.42 27.24 7.58
CA MET A 16 -3.53 28.23 7.54
C MET A 16 -3.74 28.60 6.06
N GLU A 17 -4.95 28.38 5.55
CA GLU A 17 -5.31 28.77 4.19
C GLU A 17 -4.28 28.28 3.17
N ASN A 18 -3.92 27.00 3.28
CA ASN A 18 -2.96 26.36 2.36
C ASN A 18 -1.58 26.99 2.31
N ALA A 19 -1.13 27.52 3.43
CA ALA A 19 0.22 28.04 3.54
C ALA A 19 0.66 27.72 4.97
N MET A 20 1.94 27.83 5.22
CA MET A 20 2.46 27.67 6.56
C MET A 20 2.42 29.01 7.27
N PRO A 21 1.94 29.04 8.53
CA PRO A 21 1.66 30.33 9.16
C PRO A 21 2.82 30.93 9.95
N TRP A 22 4.03 30.77 9.45
CA TRP A 22 5.22 31.39 9.98
C TRP A 22 6.02 31.76 8.74
N PRO A 23 6.95 32.74 8.85
CA PRO A 23 7.78 33.00 7.67
C PRO A 23 8.77 31.86 7.38
N PRO A 24 9.22 31.74 6.12
CA PRO A 24 10.06 30.60 5.73
C PRO A 24 11.23 30.41 6.69
N LEU A 25 11.42 29.18 7.19
CA LEU A 25 12.59 28.84 8.00
C LEU A 25 13.50 28.00 7.13
N PRO A 26 14.53 28.61 6.55
CA PRO A 26 15.38 27.86 5.62
C PRO A 26 16.06 26.64 6.26
N ALA A 27 16.29 26.67 7.57
CA ALA A 27 16.91 25.55 8.25
C ALA A 27 15.93 24.36 8.35
N ASP A 28 14.64 24.63 8.40
CA ASP A 28 13.68 23.55 8.41
C ASP A 28 13.56 22.96 7.02
N LEU A 29 13.68 23.80 5.97
CA LEU A 29 13.60 23.33 4.59
C LEU A 29 14.83 22.49 4.25
N ALA A 30 15.96 22.85 4.85
CA ALA A 30 17.17 22.09 4.65
C ALA A 30 17.05 20.75 5.42
N TRP A 31 16.47 20.73 6.62
CA TRP A 31 16.16 19.47 7.27
C TRP A 31 15.19 18.58 6.44
N PHE A 32 14.14 19.19 5.88
CA PHE A 32 13.17 18.47 5.05
C PHE A 32 13.92 17.80 3.85
N LYS A 33 14.72 18.58 3.15
CA LYS A 33 15.44 18.05 1.98
C LYS A 33 16.44 16.93 2.33
N ARG A 34 17.21 17.12 3.38
CA ARG A 34 18.12 16.11 3.93
C ARG A 34 17.39 14.78 4.15
N ASN A 35 16.25 14.82 4.85
CA ASN A 35 15.54 13.64 5.20
C ASN A 35 14.70 13.02 4.09
N THR A 36 14.41 13.70 2.99
CA THR A 36 13.52 13.18 1.99
C THR A 36 14.25 12.84 0.65
N LEU A 37 15.43 13.39 0.48
CA LEU A 37 16.22 13.15 -0.73
C LEU A 37 16.41 11.62 -1.00
N ASN A 38 16.28 11.24 -2.27
CA ASN A 38 16.39 9.87 -2.75
C ASN A 38 15.36 8.88 -2.24
N LYS A 39 14.20 9.40 -1.80
CA LYS A 39 13.06 8.61 -1.32
C LYS A 39 11.78 9.10 -2.01
N PRO A 40 10.76 8.22 -2.10
CA PRO A 40 9.55 8.71 -2.71
C PRO A 40 8.83 9.54 -1.67
N VAL A 41 8.23 10.64 -2.11
CA VAL A 41 7.43 11.51 -1.23
C VAL A 41 5.96 11.47 -1.67
N ILE A 42 5.06 11.24 -0.69
CA ILE A 42 3.62 11.20 -0.93
C ILE A 42 3.06 12.47 -0.30
N MET A 43 2.18 13.13 -1.04
CA MET A 43 1.57 14.41 -0.60
C MET A 43 0.12 14.58 -1.11
N GLY A 44 -0.73 15.22 -0.31
CA GLY A 44 -2.05 15.60 -0.85
C GLY A 44 -1.97 16.68 -1.93
N ARG A 45 -3.03 16.79 -2.72
CA ARG A 45 -3.10 17.86 -3.73
C ARG A 45 -2.95 19.25 -3.12
N HIS A 46 -3.51 19.57 -1.93
CA HIS A 46 -3.31 20.95 -1.41
C HIS A 46 -1.82 21.26 -1.16
N THR A 47 -1.07 20.27 -0.68
CA THR A 47 0.32 20.44 -0.40
C THR A 47 1.14 20.63 -1.69
N TRP A 48 0.85 19.85 -2.72
CA TRP A 48 1.50 20.02 -4.05
C TRP A 48 1.27 21.46 -4.58
N GLU A 49 0.04 21.96 -4.44
CA GLU A 49 -0.31 23.32 -4.89
C GLU A 49 0.31 24.42 -4.01
N SER A 50 0.80 24.08 -2.83
CA SER A 50 1.43 25.07 -1.93
C SER A 50 2.96 25.16 -2.09
N ILE A 51 3.56 24.31 -2.92
CA ILE A 51 5.03 24.30 -3.06
C ILE A 51 5.37 25.25 -4.20
N PRO A 52 6.27 26.26 -3.97
CA PRO A 52 6.63 27.18 -5.04
C PRO A 52 7.22 26.45 -6.23
N GLU A 53 6.85 26.91 -7.41
CA GLU A 53 7.20 26.27 -8.67
C GLU A 53 8.72 26.15 -8.89
N LYS A 54 9.46 27.10 -8.34
CA LYS A 54 10.93 27.10 -8.31
C LYS A 54 11.52 25.78 -7.77
N ASN A 55 10.84 25.13 -6.80
CA ASN A 55 11.32 23.85 -6.28
C ASN A 55 10.38 22.67 -6.60
N ARG A 56 9.57 22.78 -7.65
CA ARG A 56 8.68 21.71 -8.07
C ARG A 56 9.01 21.23 -9.45
N PRO A 57 8.97 19.90 -9.66
CA PRO A 57 8.76 18.87 -8.67
C PRO A 57 9.95 18.83 -7.72
N LEU A 58 9.77 18.31 -6.49
CA LEU A 58 10.90 18.25 -5.55
C LEU A 58 12.01 17.41 -6.19
N PRO A 59 13.22 17.99 -6.36
CA PRO A 59 14.20 17.24 -7.14
C PRO A 59 14.86 16.08 -6.38
N GLY A 60 15.23 15.02 -7.10
CA GLY A 60 15.86 13.83 -6.53
C GLY A 60 14.92 12.97 -5.69
N ARG A 61 13.61 13.13 -5.92
CA ARG A 61 12.60 12.41 -5.20
C ARG A 61 11.54 12.05 -6.18
N LYS A 62 10.91 10.88 -6.02
CA LYS A 62 9.73 10.58 -6.80
C LYS A 62 8.53 11.28 -6.14
N ASN A 63 7.85 12.16 -6.87
CA ASN A 63 6.72 12.95 -6.36
C ASN A 63 5.41 12.23 -6.66
N ILE A 64 4.62 11.94 -5.62
CA ILE A 64 3.38 11.19 -5.74
C ILE A 64 2.30 12.01 -5.03
N ILE A 65 1.26 12.38 -5.76
CA ILE A 65 0.22 13.31 -5.35
C ILE A 65 -1.12 12.58 -5.27
N LEU A 66 -1.78 12.63 -4.12
CA LEU A 66 -3.14 12.15 -3.97
C LEU A 66 -4.19 13.17 -4.39
N SER A 67 -5.08 12.68 -5.25
CA SER A 67 -6.29 13.42 -5.70
C SER A 67 -7.36 12.41 -6.11
N SER A 68 -8.60 12.58 -5.66
CA SER A 68 -9.69 11.82 -6.24
C SER A 68 -9.93 12.09 -7.75
N GLN A 69 -9.39 13.19 -8.26
CA GLN A 69 -9.67 13.65 -9.61
C GLN A 69 -8.46 13.44 -10.47
N PRO A 70 -8.63 13.42 -11.80
CA PRO A 70 -7.44 13.24 -12.68
C PRO A 70 -6.37 14.28 -12.49
N GLY A 71 -5.12 13.90 -12.78
CA GLY A 71 -3.97 14.75 -12.58
C GLY A 71 -3.96 15.95 -13.51
N THR A 72 -3.32 17.03 -13.05
CA THR A 72 -3.24 18.27 -13.83
C THR A 72 -1.78 18.65 -14.11
N ASP A 73 -0.89 17.68 -13.97
CA ASP A 73 0.55 17.93 -14.21
C ASP A 73 1.27 16.64 -14.56
N ASP A 74 1.64 16.53 -15.83
CA ASP A 74 2.30 15.34 -16.33
C ASP A 74 3.68 15.06 -15.77
N ARG A 75 4.23 15.95 -14.93
CA ARG A 75 5.60 15.80 -14.49
C ARG A 75 5.74 14.90 -13.30
N VAL A 76 4.61 14.57 -12.66
CA VAL A 76 4.62 13.80 -11.45
C VAL A 76 3.53 12.71 -11.48
N THR A 77 3.57 11.79 -10.53
CA THR A 77 2.70 10.67 -10.56
C THR A 77 1.45 11.05 -9.70
N TRP A 78 0.28 10.88 -10.29
CA TRP A 78 -1.00 11.13 -9.65
C TRP A 78 -1.67 9.80 -9.31
N VAL A 79 -2.37 9.73 -8.15
CA VAL A 79 -2.89 8.47 -7.64
C VAL A 79 -4.17 8.81 -6.91
N LYS A 80 -5.12 7.90 -6.91
CA LYS A 80 -6.47 8.15 -6.40
C LYS A 80 -6.84 7.48 -5.08
N SER A 81 -5.90 6.77 -4.47
CA SER A 81 -6.15 6.22 -3.14
C SER A 81 -4.84 6.07 -2.38
N VAL A 82 -4.95 5.86 -1.06
CA VAL A 82 -3.79 5.54 -0.25
C VAL A 82 -3.06 4.29 -0.77
N ASP A 83 -3.81 3.27 -1.21
CA ASP A 83 -3.18 2.02 -1.64
C ASP A 83 -2.44 2.26 -2.91
N GLU A 84 -2.99 3.11 -3.76
CA GLU A 84 -2.30 3.43 -5.00
C GLU A 84 -1.03 4.29 -4.75
N ALA A 85 -1.07 5.16 -3.77
CA ALA A 85 0.10 6.00 -3.40
C ALA A 85 1.28 5.13 -2.92
N ILE A 86 0.99 4.17 -2.06
CA ILE A 86 1.97 3.20 -1.53
C ILE A 86 2.58 2.33 -2.66
N ALA A 87 1.71 1.76 -3.51
CA ALA A 87 2.16 0.98 -4.69
C ALA A 87 3.15 1.72 -5.55
N ALA A 88 2.89 3.00 -5.84
CA ALA A 88 3.81 3.81 -6.69
C ALA A 88 5.22 4.03 -6.12
N CYS A 89 5.36 3.85 -4.82
CA CYS A 89 6.65 3.97 -4.15
C CYS A 89 7.59 2.84 -4.50
N GLY A 90 7.07 1.64 -4.76
CA GLY A 90 7.97 0.51 -5.03
C GLY A 90 8.65 -0.02 -3.78
N ASP A 91 9.52 -1.01 -3.96
CA ASP A 91 10.16 -1.71 -2.85
C ASP A 91 11.37 -0.88 -2.43
N VAL A 92 11.17 0.06 -1.49
CA VAL A 92 12.26 0.92 -1.07
C VAL A 92 12.35 0.81 0.45
N PRO A 93 13.50 1.17 1.03
CA PRO A 93 13.65 1.17 2.49
C PRO A 93 12.68 2.08 3.26
N GLU A 94 12.34 3.23 2.73
CA GLU A 94 11.55 4.20 3.50
C GLU A 94 10.77 5.11 2.57
N ILE A 95 9.50 5.25 2.88
CA ILE A 95 8.56 6.12 2.19
C ILE A 95 8.30 7.36 3.05
N MET A 96 8.37 8.54 2.45
CA MET A 96 8.15 9.76 3.23
C MET A 96 6.82 10.41 2.84
N VAL A 97 6.00 10.65 3.85
CA VAL A 97 4.71 11.26 3.70
C VAL A 97 4.87 12.71 4.19
N ILE A 98 4.68 13.66 3.29
CA ILE A 98 5.04 15.06 3.56
C ILE A 98 3.87 16.02 3.76
N GLY A 99 2.67 15.48 3.88
CA GLY A 99 1.49 16.28 4.27
C GLY A 99 0.42 16.27 3.18
N GLY A 100 -0.69 16.94 3.43
CA GLY A 100 -0.93 17.81 4.56
C GLY A 100 -1.72 17.09 5.64
N GLY A 101 -2.57 17.84 6.32
CA GLY A 101 -3.37 17.31 7.45
C GLY A 101 -4.18 16.05 7.20
N ARG A 102 -4.99 16.02 6.15
CA ARG A 102 -5.80 14.87 5.85
C ARG A 102 -4.88 13.70 5.44
N VAL A 103 -3.77 13.96 4.73
CA VAL A 103 -2.87 12.89 4.43
C VAL A 103 -2.17 12.30 5.66
N TYR A 104 -1.70 13.14 6.58
CA TYR A 104 -1.07 12.66 7.77
C TYR A 104 -2.02 11.80 8.64
N GLU A 105 -3.30 12.18 8.70
CA GLU A 105 -4.30 11.46 9.53
C GLU A 105 -4.44 10.02 8.99
N GLN A 106 -4.44 9.88 7.68
CA GLN A 106 -4.55 8.55 7.04
C GLN A 106 -3.30 7.69 7.16
N PHE A 107 -2.11 8.30 7.08
CA PHE A 107 -0.88 7.54 7.16
C PHE A 107 -0.29 7.32 8.57
N LEU A 108 -0.68 8.11 9.57
CA LEU A 108 -0.08 7.96 10.88
C LEU A 108 -0.25 6.54 11.47
N PRO A 109 -1.44 5.91 11.32
CA PRO A 109 -1.53 4.54 11.86
C PRO A 109 -0.61 3.54 11.15
N LYS A 110 -0.07 3.89 9.98
CA LYS A 110 0.82 3.01 9.22
C LYS A 110 2.31 3.29 9.42
N ALA A 111 2.64 4.40 10.10
CA ALA A 111 4.03 4.90 10.13
C ALA A 111 4.84 4.29 11.26
N GLN A 112 6.12 4.06 11.02
CA GLN A 112 7.02 3.58 12.08
C GLN A 112 8.01 4.63 12.51
N LYS A 113 7.91 5.83 11.91
CA LYS A 113 8.81 6.91 12.25
C LYS A 113 8.26 8.25 11.94
N LEU A 114 8.64 9.21 12.75
CA LEU A 114 8.24 10.59 12.57
C LEU A 114 9.45 11.53 12.64
N TYR A 115 9.51 12.44 11.70
CA TYR A 115 10.49 13.50 11.69
C TYR A 115 9.78 14.77 11.88
N LEU A 116 9.90 15.38 13.07
CA LEU A 116 9.17 16.57 13.43
C LEU A 116 10.10 17.75 13.58
N THR A 117 9.70 18.93 13.11
CA THR A 117 10.35 20.18 13.52
C THR A 117 9.41 20.95 14.43
N HIS A 118 9.82 21.19 15.66
CA HIS A 118 8.96 21.90 16.61
C HIS A 118 9.36 23.37 16.59
N ILE A 119 8.45 24.24 16.20
CA ILE A 119 8.77 25.66 15.96
C ILE A 119 8.25 26.48 17.13
N ASP A 120 9.10 27.30 17.74
CA ASP A 120 8.67 28.10 18.91
C ASP A 120 7.90 29.35 18.47
N ALA A 121 6.65 29.15 18.05
CA ALA A 121 5.78 30.21 17.55
C ALA A 121 4.36 29.84 17.89
N GLU A 122 3.64 30.74 18.54
CA GLU A 122 2.22 30.55 18.74
C GLU A 122 1.55 31.35 17.64
N VAL A 123 1.00 30.64 16.64
CA VAL A 123 0.27 31.22 15.51
C VAL A 123 -1.11 30.59 15.36
N GLU A 124 -1.99 31.31 14.65
CA GLU A 124 -3.32 30.81 14.28
C GLU A 124 -3.23 29.85 13.09
N GLY A 125 -4.06 28.81 13.12
CA GLY A 125 -4.11 27.80 12.07
C GLY A 125 -5.46 27.11 11.85
N ASP A 126 -5.63 26.57 10.66
CA ASP A 126 -6.84 25.84 10.31
C ASP A 126 -6.58 24.35 10.06
N THR A 127 -5.37 23.90 10.35
CA THR A 127 -4.94 22.53 10.07
C THR A 127 -3.85 22.19 11.07
N HIS A 128 -4.02 21.03 11.69
CA HIS A 128 -3.18 20.52 12.77
C HIS A 128 -2.63 19.16 12.41
N PHE A 129 -1.45 18.85 12.94
CA PHE A 129 -0.88 17.49 12.87
C PHE A 129 -1.75 16.63 13.81
N PRO A 130 -1.97 15.33 13.51
CA PRO A 130 -2.76 14.47 14.39
C PRO A 130 -2.13 14.27 15.76
N ASP A 131 -2.98 14.00 16.76
CA ASP A 131 -2.51 13.64 18.11
C ASP A 131 -1.68 12.32 18.06
N TYR A 132 -0.39 12.42 18.37
CA TYR A 132 0.52 11.29 18.30
C TYR A 132 1.14 10.92 19.65
N GLU A 133 1.48 11.91 20.47
CA GLU A 133 2.24 11.72 21.71
C GLU A 133 1.61 10.70 22.69
N PRO A 134 0.28 10.61 22.72
CA PRO A 134 -0.32 9.53 23.55
C PRO A 134 0.05 8.10 23.18
N ASP A 135 0.38 7.82 21.92
CA ASP A 135 0.67 6.43 21.50
C ASP A 135 2.10 6.01 21.90
N ASP A 136 2.66 4.99 21.26
CA ASP A 136 3.92 4.45 21.76
C ASP A 136 5.14 4.89 20.94
N TRP A 137 5.19 6.17 20.61
CA TRP A 137 6.37 6.84 20.01
C TRP A 137 7.45 7.12 21.05
N GLU A 138 8.71 6.85 20.72
CA GLU A 138 9.84 7.13 21.58
C GLU A 138 10.82 7.99 20.80
N SER A 139 11.31 9.06 21.42
CA SER A 139 12.25 9.95 20.77
C SER A 139 13.62 9.31 20.69
N VAL A 140 14.22 9.29 19.51
CA VAL A 140 15.56 8.75 19.34
C VAL A 140 16.55 9.78 18.82
N PHE A 141 16.07 11.01 18.54
CA PHE A 141 16.95 12.11 18.17
C PHE A 141 16.29 13.45 18.42
N SER A 142 17.07 14.41 18.92
CA SER A 142 16.57 15.78 19.03
C SER A 142 17.70 16.74 19.03
N GLU A 143 17.44 17.93 18.49
CA GLU A 143 18.47 18.91 18.30
C GLU A 143 17.85 20.29 18.18
N PHE A 144 18.15 21.13 19.17
CA PHE A 144 17.58 22.47 19.33
C PHE A 144 18.47 23.49 18.71
N HIS A 145 17.87 24.53 18.13
CA HIS A 145 18.62 25.61 17.51
C HIS A 145 17.95 26.92 17.84
N ASP A 146 18.72 27.94 18.24
CA ASP A 146 18.15 29.25 18.55
C ASP A 146 17.83 29.97 17.22
N ALA A 147 16.89 30.91 17.25
CA ALA A 147 16.68 31.81 16.09
C ALA A 147 17.97 32.58 15.74
N ASP A 148 18.21 32.80 14.44
CA ASP A 148 19.38 33.53 13.95
C ASP A 148 18.96 34.53 12.85
N ALA A 149 19.90 35.02 12.05
CA ALA A 149 19.59 36.05 11.07
C ALA A 149 18.73 35.53 9.90
N GLN A 150 18.88 34.25 9.55
CA GLN A 150 18.14 33.60 8.46
C GLN A 150 16.89 32.83 8.91
N ASN A 151 16.76 32.56 10.21
CA ASN A 151 15.59 31.87 10.76
C ASN A 151 15.07 32.66 11.94
N SER A 152 13.81 33.07 11.89
CA SER A 152 13.31 34.08 12.81
C SER A 152 12.64 33.50 14.04
N HIS A 153 12.40 32.19 14.03
CA HIS A 153 11.90 31.50 15.21
C HIS A 153 12.91 30.43 15.60
N SER A 154 12.89 30.03 16.86
CA SER A 154 13.78 28.95 17.28
C SER A 154 13.05 27.65 16.97
N TYR A 155 13.82 26.57 16.83
CA TYR A 155 13.25 25.28 16.43
C TYR A 155 14.06 24.10 16.97
N CYS A 156 13.43 22.93 16.96
CA CYS A 156 13.95 21.69 17.55
C CYS A 156 13.56 20.56 16.60
N PHE A 157 14.55 19.93 15.96
CA PHE A 157 14.33 18.72 15.15
C PHE A 157 14.26 17.50 16.05
N GLU A 158 13.32 16.60 15.74
CA GLU A 158 13.05 15.43 16.57
C GLU A 158 12.75 14.26 15.65
N ILE A 159 13.28 13.06 16.00
CA ILE A 159 12.85 11.84 15.34
C ILE A 159 12.33 10.90 16.40
N LEU A 160 11.14 10.35 16.13
CA LEU A 160 10.51 9.38 16.99
C LEU A 160 10.29 8.10 16.20
N GLU A 161 10.42 6.95 16.88
CA GLU A 161 10.13 5.63 16.31
C GLU A 161 9.08 4.94 17.15
N ARG A 162 8.31 4.07 16.51
CA ARG A 162 7.17 3.45 17.20
C ARG A 162 7.67 2.29 18.05
N MET B 1 -5.06 -0.92 -9.61
CA MET B 1 -6.14 -1.52 -8.75
C MET B 1 -5.71 -2.90 -8.25
N ILE B 2 -6.36 -3.31 -7.15
CA ILE B 2 -6.11 -4.62 -6.52
C ILE B 2 -7.22 -5.63 -6.87
N SER B 3 -6.80 -6.81 -7.31
CA SER B 3 -7.67 -7.88 -7.76
C SER B 3 -7.33 -9.12 -6.94
N LEU B 4 -8.37 -9.87 -6.53
CA LEU B 4 -8.20 -11.21 -5.95
C LEU B 4 -8.59 -12.25 -6.99
N ILE B 5 -7.80 -13.32 -7.09
CA ILE B 5 -8.09 -14.49 -7.91
C ILE B 5 -8.02 -15.73 -6.97
N ALA B 6 -9.08 -16.56 -7.03
CA ALA B 6 -9.33 -17.72 -6.19
C ALA B 6 -10.23 -18.75 -6.89
N ALA B 7 -10.06 -20.02 -6.49
CA ALA B 7 -10.88 -21.15 -6.90
C ALA B 7 -11.70 -21.61 -5.70
N LEU B 8 -13.01 -21.60 -5.82
CA LEU B 8 -13.96 -21.91 -4.71
C LEU B 8 -14.70 -23.17 -5.09
N ALA B 9 -14.57 -24.19 -4.26
CA ALA B 9 -15.42 -25.36 -4.39
C ALA B 9 -16.71 -24.98 -3.66
N VAL B 10 -17.63 -25.92 -3.55
CA VAL B 10 -18.93 -25.64 -2.92
C VAL B 10 -18.79 -25.15 -1.48
N ASP B 11 -19.71 -24.26 -1.10
CA ASP B 11 -19.68 -23.57 0.16
C ASP B 11 -18.39 -22.76 0.37
N ARG B 12 -17.73 -22.37 -0.74
CA ARG B 12 -16.60 -21.45 -0.71
C ARG B 12 -15.34 -21.99 -0.08
N VAL B 13 -15.22 -23.29 -0.06
CA VAL B 13 -14.01 -23.96 0.37
C VAL B 13 -12.88 -23.65 -0.61
N ILE B 14 -11.73 -23.25 -0.10
CA ILE B 14 -10.53 -22.99 -0.91
C ILE B 14 -9.41 -23.87 -0.46
N GLY B 15 -9.46 -24.42 0.75
CA GLY B 15 -8.36 -25.33 1.15
C GLY B 15 -8.61 -26.24 2.31
N MET B 16 -7.70 -27.21 2.45
CA MET B 16 -7.68 -28.22 3.51
C MET B 16 -6.22 -28.62 3.83
N GLU B 17 -5.77 -28.41 5.06
CA GLU B 17 -4.39 -28.80 5.49
C GLU B 17 -3.35 -28.30 4.50
N ASN B 18 -3.48 -27.02 4.15
CA ASN B 18 -2.59 -26.37 3.18
C ASN B 18 -2.48 -26.94 1.79
N ALA B 19 -3.55 -27.52 1.26
CA ALA B 19 -3.57 -27.93 -0.13
C ALA B 19 -4.98 -27.64 -0.64
N MET B 20 -5.18 -27.75 -1.94
CA MET B 20 -6.50 -27.64 -2.48
C MET B 20 -7.16 -29.01 -2.52
N PRO B 21 -8.38 -29.13 -1.92
CA PRO B 21 -9.01 -30.44 -1.74
C PRO B 21 -9.75 -31.01 -2.97
N TRP B 22 -9.23 -30.75 -4.17
CA TRP B 22 -9.70 -31.40 -5.39
C TRP B 22 -8.47 -31.71 -6.24
N PRO B 23 -8.61 -32.67 -7.16
CA PRO B 23 -7.50 -32.95 -8.10
C PRO B 23 -7.22 -31.74 -8.99
N PRO B 24 -5.94 -31.52 -9.40
CA PRO B 24 -5.67 -30.40 -10.28
C PRO B 24 -6.70 -30.31 -11.38
N LEU B 25 -7.18 -29.10 -11.63
CA LEU B 25 -7.97 -28.74 -12.81
C LEU B 25 -7.08 -27.93 -13.73
N PRO B 26 -6.54 -28.55 -14.79
CA PRO B 26 -5.65 -27.82 -15.68
C PRO B 26 -6.27 -26.55 -16.28
N ALA B 27 -7.56 -26.59 -16.62
CA ALA B 27 -8.26 -25.41 -17.13
C ALA B 27 -8.27 -24.29 -16.11
N ASP B 28 -8.28 -24.61 -14.83
CA ASP B 28 -8.28 -23.54 -13.85
C ASP B 28 -6.89 -22.92 -13.71
N LEU B 29 -5.85 -23.76 -13.78
CA LEU B 29 -4.51 -23.28 -13.75
C LEU B 29 -4.18 -22.44 -14.97
N ALA B 30 -4.74 -22.79 -16.13
CA ALA B 30 -4.54 -21.98 -17.33
C ALA B 30 -5.22 -20.61 -17.23
N TRP B 31 -6.41 -20.57 -16.62
CA TRP B 31 -7.08 -19.32 -16.34
C TRP B 31 -6.29 -18.51 -15.33
N PHE B 32 -5.69 -19.20 -14.36
CA PHE B 32 -4.85 -18.55 -13.34
C PHE B 32 -3.65 -17.88 -13.99
N LYS B 33 -2.93 -18.63 -14.78
CA LYS B 33 -1.80 -18.03 -15.47
C LYS B 33 -2.21 -16.88 -16.38
N ARG B 34 -3.22 -17.09 -17.22
CA ARG B 34 -3.64 -16.07 -18.19
C ARG B 34 -3.95 -14.71 -17.50
N ASN B 35 -4.64 -14.78 -16.37
CA ASN B 35 -4.98 -13.61 -15.58
C ASN B 35 -3.93 -13.03 -14.63
N THR B 36 -2.79 -13.71 -14.44
CA THR B 36 -1.72 -13.23 -13.55
C THR B 36 -0.40 -12.94 -14.29
N LEU B 37 -0.22 -13.46 -15.49
CA LEU B 37 1.06 -13.27 -16.20
C LEU B 37 1.33 -11.77 -16.37
N ASN B 38 2.59 -11.40 -16.26
CA ASN B 38 3.03 -9.98 -16.35
C ASN B 38 2.46 -9.04 -15.28
N LYS B 39 1.97 -9.59 -14.17
CA LYS B 39 1.53 -8.77 -13.03
C LYS B 39 2.25 -9.20 -11.76
N PRO B 40 2.32 -8.31 -10.74
CA PRO B 40 2.80 -8.76 -9.43
C PRO B 40 1.73 -9.60 -8.74
N VAL B 41 2.18 -10.68 -8.10
CA VAL B 41 1.26 -11.50 -7.31
C VAL B 41 1.70 -11.48 -5.86
N ILE B 42 0.72 -11.25 -4.99
CA ILE B 42 0.92 -11.25 -3.56
C ILE B 42 0.28 -12.52 -2.98
N MET B 43 1.02 -13.19 -2.08
CA MET B 43 0.59 -14.43 -1.44
C MET B 43 1.13 -14.52 -0.03
N GLY B 44 0.34 -15.16 0.84
CA GLY B 44 0.82 -15.55 2.16
C GLY B 44 1.82 -16.67 2.15
N ARG B 45 2.56 -16.79 3.26
CA ARG B 45 3.59 -17.80 3.42
C ARG B 45 3.06 -19.22 3.17
N HIS B 46 1.93 -19.59 3.74
CA HIS B 46 1.40 -20.93 3.47
C HIS B 46 1.13 -21.21 1.98
N THR B 47 0.52 -20.25 1.30
CA THR B 47 0.30 -20.40 -0.12
C THR B 47 1.61 -20.58 -0.91
N TRP B 48 2.65 -19.84 -0.57
CA TRP B 48 3.97 -20.02 -1.23
C TRP B 48 4.43 -21.47 -0.99
N GLU B 49 4.27 -21.96 0.24
CA GLU B 49 4.73 -23.31 0.65
C GLU B 49 3.96 -24.43 -0.07
N SER B 50 2.75 -24.11 -0.55
CA SER B 50 1.82 -25.09 -1.14
C SER B 50 1.96 -25.21 -2.65
N ILE B 51 2.73 -24.33 -3.26
CA ILE B 51 2.93 -24.38 -4.71
C ILE B 51 4.06 -25.35 -5.03
N PRO B 52 3.84 -26.27 -6.00
CA PRO B 52 4.94 -27.17 -6.35
C PRO B 52 6.18 -26.46 -6.87
N GLU B 53 7.33 -26.96 -6.45
CA GLU B 53 8.61 -26.32 -6.82
C GLU B 53 8.87 -26.21 -8.33
N LYS B 54 8.31 -27.16 -9.09
CA LYS B 54 8.29 -27.12 -10.55
C LYS B 54 7.72 -25.81 -11.13
N ASN B 55 6.81 -25.17 -10.38
CA ASN B 55 6.16 -23.93 -10.77
C ASN B 55 6.48 -22.77 -9.79
N ARG B 56 7.61 -22.84 -9.10
CA ARG B 56 8.06 -21.79 -8.21
C ARG B 56 9.46 -21.38 -8.58
N PRO B 57 9.74 -20.07 -8.63
CA PRO B 57 8.75 -18.99 -8.56
C PRO B 57 7.81 -19.06 -9.75
N LEU B 58 6.62 -18.51 -9.60
CA LEU B 58 5.67 -18.38 -10.73
C LEU B 58 6.32 -17.54 -11.80
N PRO B 59 6.54 -18.13 -12.99
CA PRO B 59 7.34 -17.43 -14.02
C PRO B 59 6.59 -16.25 -14.65
N GLY B 60 7.33 -15.19 -15.03
CA GLY B 60 6.78 -13.97 -15.65
C GLY B 60 5.93 -13.10 -14.74
N ARG B 61 6.08 -13.28 -13.42
CA ARG B 61 5.32 -12.52 -12.43
C ARG B 61 6.24 -12.14 -11.30
N LYS B 62 6.09 -10.94 -10.74
CA LYS B 62 6.83 -10.60 -9.55
C LYS B 62 6.19 -11.33 -8.34
N ASN B 63 6.92 -12.27 -7.73
CA ASN B 63 6.36 -13.03 -6.58
C ASN B 63 6.66 -12.30 -5.27
N ILE B 64 5.61 -11.97 -4.50
CA ILE B 64 5.75 -11.22 -3.27
C ILE B 64 5.08 -12.04 -2.14
N ILE B 65 5.88 -12.46 -1.17
CA ILE B 65 5.37 -13.31 -0.07
C ILE B 65 5.30 -12.54 1.24
N LEU B 66 4.14 -12.58 1.89
CA LEU B 66 3.99 -12.07 3.24
C LEU B 66 4.42 -13.11 4.29
N SER B 67 5.23 -12.65 5.24
CA SER B 67 5.55 -13.38 6.48
C SER B 67 5.96 -12.35 7.52
N SER B 68 5.53 -12.55 8.76
CA SER B 68 6.06 -11.76 9.88
C SER B 68 7.53 -12.09 10.21
N GLN B 69 8.04 -13.22 9.73
CA GLN B 69 9.44 -13.60 9.92
C GLN B 69 10.33 -13.39 8.72
N PRO B 70 11.66 -13.31 8.94
CA PRO B 70 12.53 -13.11 7.77
C PRO B 70 12.35 -14.18 6.66
N GLY B 71 12.66 -13.79 5.42
CA GLY B 71 12.48 -14.64 4.25
C GLY B 71 13.34 -15.88 4.34
N THR B 72 12.83 -16.96 3.76
CA THR B 72 13.58 -18.23 3.71
C THR B 72 13.89 -18.65 2.28
N ASP B 73 13.74 -17.72 1.32
CA ASP B 73 14.02 -18.00 -0.09
C ASP B 73 14.41 -16.71 -0.84
N ASP B 74 15.67 -16.66 -1.28
CA ASP B 74 16.32 -15.50 -1.93
C ASP B 74 15.84 -15.20 -3.33
N ARG B 75 15.08 -16.11 -3.92
CA ARG B 75 14.55 -15.92 -5.25
C ARG B 75 13.34 -15.00 -5.32
N VAL B 76 12.66 -14.69 -4.21
CA VAL B 76 11.46 -13.91 -4.33
C VAL B 76 11.49 -12.80 -3.28
N THR B 77 10.44 -11.98 -3.21
CA THR B 77 10.41 -10.81 -2.34
C THR B 77 9.58 -11.14 -1.16
N TRP B 78 10.11 -10.93 0.05
CA TRP B 78 9.42 -11.18 1.33
C TRP B 78 9.07 -9.86 1.99
N VAL B 79 7.87 -9.76 2.59
CA VAL B 79 7.39 -8.51 3.17
C VAL B 79 6.67 -8.83 4.46
N LYS B 80 6.73 -7.91 5.39
CA LYS B 80 6.27 -8.13 6.76
C LYS B 80 4.96 -7.48 7.04
N SER B 81 4.35 -6.85 6.04
CA SER B 81 3.03 -6.25 6.24
C SER B 81 2.27 -6.03 4.96
N VAL B 82 0.98 -5.80 5.08
CA VAL B 82 0.14 -5.51 3.89
C VAL B 82 0.65 -4.28 3.13
N ASP B 83 1.03 -3.22 3.85
CA ASP B 83 1.49 -1.99 3.18
C ASP B 83 2.80 -2.28 2.49
N GLU B 84 3.64 -3.11 3.10
CA GLU B 84 4.90 -3.40 2.41
C GLU B 84 4.67 -4.26 1.15
N ALA B 85 3.69 -5.19 1.18
CA ALA B 85 3.33 -6.02 0.00
C ALA B 85 2.86 -5.14 -1.16
N ILE B 86 1.95 -4.21 -0.87
CA ILE B 86 1.47 -3.22 -1.88
C ILE B 86 2.65 -2.41 -2.52
N ALA B 87 3.53 -1.86 -1.69
CA ALA B 87 4.62 -1.03 -2.14
C ALA B 87 5.54 -1.79 -3.10
N ALA B 88 5.80 -3.07 -2.83
CA ALA B 88 6.71 -3.88 -3.66
C ALA B 88 6.18 -4.14 -5.08
N CYS B 89 4.88 -3.93 -5.26
CA CYS B 89 4.23 -4.08 -6.57
C CYS B 89 4.58 -2.98 -7.59
N GLY B 90 4.88 -1.76 -7.12
CA GLY B 90 5.12 -0.64 -8.02
C GLY B 90 3.84 -0.11 -8.67
N ASP B 91 4.03 0.85 -9.57
CA ASP B 91 2.94 1.56 -10.21
C ASP B 91 2.48 0.77 -11.43
N VAL B 92 1.62 -0.21 -11.20
CA VAL B 92 1.19 -1.15 -12.23
C VAL B 92 -0.30 -0.96 -12.37
N PRO B 93 -0.87 -1.36 -13.51
CA PRO B 93 -2.32 -1.27 -13.67
C PRO B 93 -3.11 -2.21 -12.75
N GLU B 94 -2.57 -3.38 -12.41
CA GLU B 94 -3.37 -4.34 -11.63
C GLU B 94 -2.44 -5.23 -10.83
N ILE B 95 -2.75 -5.35 -9.57
CA ILE B 95 -2.06 -6.20 -8.60
C ILE B 95 -2.95 -7.42 -8.29
N MET B 96 -2.36 -8.61 -8.34
CA MET B 96 -3.13 -9.83 -8.13
C MET B 96 -2.83 -10.47 -6.75
N VAL B 97 -3.84 -10.66 -5.94
CA VAL B 97 -3.71 -11.30 -4.65
C VAL B 97 -4.13 -12.76 -4.85
N ILE B 98 -3.19 -13.70 -4.72
CA ILE B 98 -3.48 -15.13 -5.09
C ILE B 98 -3.72 -16.10 -3.91
N GLY B 99 -3.92 -15.57 -2.69
CA GLY B 99 -4.27 -16.39 -1.55
C GLY B 99 -3.26 -16.31 -0.41
N GLY B 100 -3.55 -16.91 0.73
CA GLY B 100 -4.71 -17.79 0.99
C GLY B 100 -5.79 -17.10 1.78
N GLY B 101 -6.48 -17.88 2.59
CA GLY B 101 -7.60 -17.31 3.37
C GLY B 101 -7.35 -16.02 4.10
N ARG B 102 -6.38 -16.01 5.00
CA ARG B 102 -5.99 -14.82 5.74
C ARG B 102 -5.56 -13.63 4.85
N VAL B 103 -4.83 -13.89 3.77
CA VAL B 103 -4.45 -12.84 2.85
C VAL B 103 -5.74 -12.27 2.15
N TYR B 104 -6.62 -13.13 1.64
CA TYR B 104 -7.83 -12.67 1.01
C TYR B 104 -8.68 -11.81 1.94
N GLU B 105 -8.77 -12.20 3.20
CA GLU B 105 -9.68 -11.50 4.11
C GLU B 105 -9.12 -10.04 4.38
N GLN B 106 -7.79 -9.87 4.34
CA GLN B 106 -7.19 -8.54 4.47
C GLN B 106 -7.26 -7.68 3.19
N PHE B 107 -7.24 -8.33 2.02
CA PHE B 107 -7.21 -7.60 0.77
C PHE B 107 -8.60 -7.36 0.16
N LEU B 108 -9.63 -8.10 0.61
CA LEU B 108 -10.97 -7.98 0.02
C LEU B 108 -11.56 -6.55 0.15
N PRO B 109 -11.51 -5.92 1.35
CA PRO B 109 -11.98 -4.49 1.48
C PRO B 109 -11.23 -3.52 0.53
N LYS B 110 -10.03 -3.88 0.12
CA LYS B 110 -9.22 -3.05 -0.75
C LYS B 110 -9.36 -3.32 -2.25
N ALA B 111 -10.02 -4.41 -2.64
CA ALA B 111 -10.01 -4.88 -4.04
C ALA B 111 -11.15 -4.25 -4.84
N GLN B 112 -10.97 -4.10 -6.13
CA GLN B 112 -12.08 -3.67 -6.97
C GLN B 112 -12.54 -4.72 -8.02
N LYS B 113 -11.90 -5.90 -8.04
CA LYS B 113 -12.14 -6.92 -9.06
C LYS B 113 -11.87 -8.29 -8.43
N LEU B 114 -12.73 -9.27 -8.67
CA LEU B 114 -12.53 -10.65 -8.23
C LEU B 114 -12.56 -11.58 -9.45
N TYR B 115 -11.63 -12.51 -9.55
CA TYR B 115 -11.65 -13.51 -10.58
C TYR B 115 -11.85 -14.81 -9.85
N LEU B 116 -13.02 -15.44 -10.02
CA LEU B 116 -13.34 -16.64 -9.30
C LEU B 116 -13.62 -17.80 -10.21
N THR B 117 -13.13 -18.98 -9.82
CA THR B 117 -13.50 -20.20 -10.49
C THR B 117 -14.35 -21.00 -9.56
N HIS B 118 -15.60 -21.25 -9.94
CA HIS B 118 -16.55 -21.97 -9.08
C HIS B 118 -16.53 -23.45 -9.48
N ILE B 119 -16.10 -24.34 -8.59
CA ILE B 119 -15.85 -25.75 -8.92
C ILE B 119 -16.99 -26.58 -8.30
N ASP B 120 -17.65 -27.43 -9.09
CA ASP B 120 -18.75 -28.25 -8.56
C ASP B 120 -18.18 -29.49 -7.92
N ALA B 121 -17.64 -29.32 -6.71
CA ALA B 121 -17.11 -30.39 -5.87
C ALA B 121 -17.44 -30.04 -4.45
N GLU B 122 -18.01 -30.98 -3.70
CA GLU B 122 -18.39 -30.70 -2.33
C GLU B 122 -17.49 -31.50 -1.40
N VAL B 123 -16.45 -30.84 -0.90
CA VAL B 123 -15.33 -31.51 -0.25
C VAL B 123 -15.11 -30.80 1.07
N GLU B 124 -14.41 -31.46 2.00
CA GLU B 124 -14.23 -30.87 3.32
C GLU B 124 -13.09 -29.87 3.21
N GLY B 125 -13.26 -28.76 3.92
CA GLY B 125 -12.21 -27.76 4.05
C GLY B 125 -12.03 -27.16 5.43
N ASP B 126 -10.85 -26.62 5.69
CA ASP B 126 -10.57 -25.84 6.87
C ASP B 126 -10.31 -24.38 6.55
N THR B 127 -10.41 -23.98 5.28
CA THR B 127 -10.18 -22.62 4.88
C THR B 127 -11.31 -22.26 3.91
N HIS B 128 -11.85 -21.05 4.02
CA HIS B 128 -12.89 -20.58 3.13
C HIS B 128 -12.55 -19.18 2.56
N PHE B 129 -13.11 -18.86 1.41
CA PHE B 129 -13.02 -17.51 0.86
C PHE B 129 -13.91 -16.60 1.70
N PRO B 130 -13.48 -15.34 1.96
CA PRO B 130 -14.25 -14.46 2.84
C PRO B 130 -15.58 -14.02 2.19
N ASP B 131 -16.53 -13.57 2.99
CA ASP B 131 -17.83 -13.26 2.48
C ASP B 131 -17.81 -11.99 1.59
N TYR B 132 -18.20 -12.13 0.33
CA TYR B 132 -18.29 -10.98 -0.55
C TYR B 132 -19.73 -10.76 -0.89
N GLU B 133 -20.16 -9.52 -0.69
CA GLU B 133 -21.57 -9.15 -0.67
C GLU B 133 -22.08 -8.70 -2.03
N PRO B 134 -23.30 -9.15 -2.37
CA PRO B 134 -23.87 -8.87 -3.69
C PRO B 134 -24.12 -7.37 -3.93
N ASP B 135 -24.49 -6.64 -2.86
CA ASP B 135 -24.67 -5.19 -2.97
C ASP B 135 -23.36 -4.46 -3.30
N ASP B 136 -22.22 -5.03 -2.88
CA ASP B 136 -20.92 -4.41 -3.14
C ASP B 136 -20.36 -4.81 -4.49
N TRP B 137 -20.74 -5.98 -5.00
CA TRP B 137 -20.11 -6.58 -6.20
C TRP B 137 -21.12 -6.95 -7.27
N GLU B 138 -20.77 -6.71 -8.53
CA GLU B 138 -21.62 -7.04 -9.66
C GLU B 138 -20.85 -7.96 -10.57
N SER B 139 -21.49 -9.05 -11.01
CA SER B 139 -20.87 -9.99 -11.92
C SER B 139 -20.81 -9.40 -13.31
N VAL B 140 -19.64 -9.36 -13.94
CA VAL B 140 -19.48 -8.82 -15.30
C VAL B 140 -19.00 -9.85 -16.36
N PHE B 141 -18.57 -11.03 -15.91
CA PHE B 141 -18.29 -12.11 -16.82
C PHE B 141 -18.54 -13.45 -16.14
N SER B 142 -19.09 -14.40 -16.91
CA SER B 142 -19.11 -15.81 -16.49
C SER B 142 -19.13 -16.76 -17.67
N GLU B 143 -18.55 -17.95 -17.47
CA GLU B 143 -18.47 -18.97 -18.51
C GLU B 143 -18.38 -20.35 -17.87
N PHE B 144 -19.37 -21.19 -18.13
CA PHE B 144 -19.44 -22.53 -17.56
C PHE B 144 -18.76 -23.55 -18.49
N HIS B 145 -18.02 -24.48 -17.91
CA HIS B 145 -17.43 -25.58 -18.66
C HIS B 145 -17.79 -26.90 -17.99
N ASP B 146 -18.08 -27.90 -18.81
CA ASP B 146 -18.39 -29.24 -18.30
C ASP B 146 -17.09 -29.97 -18.04
N ALA B 147 -17.12 -30.93 -17.11
CA ALA B 147 -15.99 -31.86 -16.96
C ALA B 147 -15.64 -32.50 -18.32
N ASP B 148 -14.36 -32.78 -18.49
CA ASP B 148 -13.86 -33.47 -19.66
C ASP B 148 -12.78 -34.50 -19.24
N ALA B 149 -11.94 -34.93 -20.16
CA ALA B 149 -11.00 -36.01 -19.88
C ALA B 149 -9.80 -35.49 -19.08
N GLN B 150 -9.55 -34.18 -19.19
CA GLN B 150 -8.48 -33.50 -18.47
C GLN B 150 -8.95 -32.83 -17.17
N ASN B 151 -10.25 -32.56 -17.07
CA ASN B 151 -10.80 -31.82 -15.93
C ASN B 151 -11.93 -32.62 -15.32
N SER B 152 -11.71 -33.12 -14.11
CA SER B 152 -12.60 -34.12 -13.50
C SER B 152 -13.83 -33.56 -12.79
N HIS B 153 -13.90 -32.25 -12.56
CA HIS B 153 -15.15 -31.61 -12.13
C HIS B 153 -15.52 -30.49 -13.10
N SER B 154 -16.78 -30.10 -13.10
CA SER B 154 -17.20 -28.92 -13.88
C SER B 154 -16.90 -27.64 -13.09
N TYR B 155 -16.73 -26.56 -13.83
CA TYR B 155 -16.31 -25.26 -13.29
C TYR B 155 -16.88 -24.09 -14.08
N CYS B 156 -17.07 -22.98 -13.37
CA CYS B 156 -17.60 -21.75 -13.94
C CYS B 156 -16.60 -20.62 -13.58
N PHE B 157 -16.02 -19.98 -14.59
CA PHE B 157 -15.21 -18.78 -14.37
C PHE B 157 -16.11 -17.56 -14.23
N GLU B 158 -15.76 -16.69 -13.28
CA GLU B 158 -16.49 -15.48 -13.11
C GLU B 158 -15.62 -14.29 -12.79
N ILE B 159 -15.99 -13.13 -13.32
CA ILE B 159 -15.30 -11.87 -12.94
C ILE B 159 -16.31 -10.92 -12.38
N LEU B 160 -15.97 -10.33 -11.25
CA LEU B 160 -16.90 -9.44 -10.51
C LEU B 160 -16.17 -8.13 -10.26
N GLU B 161 -16.91 -7.01 -10.37
CA GLU B 161 -16.39 -5.65 -10.14
C GLU B 161 -17.13 -5.03 -8.98
N ARG B 162 -16.46 -4.14 -8.26
CA ARG B 162 -17.07 -3.53 -7.08
C ARG B 162 -17.92 -2.34 -7.55
#